data_9QAM
#
_entry.id   9QAM
#
_cell.length_a   60.087
_cell.length_b   85.417
_cell.length_c   135.662
_cell.angle_alpha   90
_cell.angle_beta   90
_cell.angle_gamma   90
#
_symmetry.space_group_name_H-M   'P 21 21 21'
#
loop_
_entity.id
_entity.type
_entity.pdbx_description
1 polymer 'Angiotensin-converting enzyme, soluble form'
2 branched 2-acetamido-2-deoxy-beta-D-glucopyranose-(1-4)-[alpha-L-fucopyranose-(1-6)]2-acetamido-2-deoxy-beta-D-glucopyranose
3 branched 2-acetamido-2-deoxy-beta-D-glucopyranose-(1-3)-1-deoxy-alpha-D-mannopyranose
4 non-polymer 'ZINC ION'
5 non-polymer 'CHLORIDE ION'
6 non-polymer IMIDAZOLE
7 non-polymer N-CARBOXYALANINE
8 non-polymer 'MALONATE ION'
9 non-polymer '1-CYCLOPROPYL-6-FLUORO-4-OXO-7-PIPERAZIN-1-YL-1,4-DIHYDROQUINOLINE-3-CARBOXYLIC ACID'
10 non-polymer 1,2-ETHANEDIOL
11 non-polymer DI(HYDROXYETHYL)ETHER
12 water water
#
_entity_poly.entity_id   1
_entity_poly.type   'polypeptide(L)'
_entity_poly.pdbx_seq_one_letter_code
;DEAEASKFVEEYDRTSQVVWNEYAGANWNYNTNITTETSKILLQKNMQIAQHTLKYGTQARKFDVNQLQNTTIKRIIKKV
QDLQRAALPAQELEEYNKILLDMETTYSVATVCHPQGSCLQLEPDLTNVMATSRKYEDLLWAWEGWRDKAGRAILQFYPK
YVELINQAARLNGYVDAGDSWRSMYETPSLEQDLERLFQELQPLYLNLHAYVRRALHRHYGAQHINLEGPIPAHLLGNMW
AQTWSNIYDLVVPFPSAPSMDTTEAMLKQGWTPRRMFKEADDFFTSLGLLPVPPEFWQKSMLEKPTDGREVVCHASAWDF
YNGKDFRIKQCTTVNLEDLVVAHHEMGHIQYFMQYKDLPVALREGANPGFHEAIGDVLALSVSTPKHLHSLNLLSSEGGS
DEHDINFLMKMALDKIAFIPFSYLVDQWRWRVFDGSITKENYNQEWWSLRLKYQGL(CSO)PPVPRTQGDFDPGAKFHIP
SSVPYIRYFVSFIIQFQFHEALCQAAGHTGPLHKCDIYQSKEAGQRLATAMKLGFSRPWPEAMQLITGQPQMSASAMLSY
FKPLLDWLRTENELHGEKLGWP
;
_entity_poly.pdbx_strand_id   A
#
# COMPACT_ATOMS: atom_id res chain seq x y z
N ASP A 1 7.16 11.10 -38.59
CA ASP A 1 6.56 12.42 -38.91
C ASP A 1 5.70 12.84 -37.72
N GLU A 2 5.84 14.11 -37.29
CA GLU A 2 5.25 14.63 -36.07
C GLU A 2 3.72 14.55 -36.14
N ALA A 3 3.17 14.98 -37.28
CA ALA A 3 1.72 15.10 -37.44
C ALA A 3 1.06 13.74 -37.31
N GLU A 4 1.74 12.70 -37.80
CA GLU A 4 1.15 11.37 -37.83
C GLU A 4 1.21 10.76 -36.43
N ALA A 5 2.29 11.04 -35.70
CA ALA A 5 2.42 10.61 -34.32
C ALA A 5 1.35 11.30 -33.48
N SER A 6 1.16 12.60 -33.72
CA SER A 6 0.21 13.43 -32.98
C SER A 6 -1.22 12.91 -33.12
N LYS A 7 -1.62 12.63 -34.37
CA LYS A 7 -2.92 12.09 -34.73
C LYS A 7 -3.15 10.71 -34.09
N PHE A 8 -2.07 9.91 -34.07
CA PHE A 8 -2.11 8.56 -33.53
C PHE A 8 -2.43 8.58 -32.04
N VAL A 9 -1.89 9.56 -31.31
CA VAL A 9 -2.10 9.58 -29.88
C VAL A 9 -3.48 10.20 -29.61
N GLU A 10 -3.99 11.05 -30.51
CA GLU A 10 -5.33 11.57 -30.30
C GLU A 10 -6.34 10.44 -30.41
N GLU A 11 -6.14 9.55 -31.39
CA GLU A 11 -7.01 8.40 -31.60
C GLU A 11 -6.92 7.42 -30.42
N TYR A 12 -5.69 7.14 -29.96
CA TYR A 12 -5.47 6.24 -28.83
C TYR A 12 -6.21 6.76 -27.60
N ASP A 13 -6.22 8.06 -27.40
CA ASP A 13 -6.88 8.64 -26.25
C ASP A 13 -8.39 8.44 -26.33
N ARG A 14 -8.99 8.77 -27.46
CA ARG A 14 -10.44 8.64 -27.64
C ARG A 14 -10.87 7.19 -27.36
N THR A 15 -10.16 6.24 -27.96
CA THR A 15 -10.57 4.84 -27.93
C THR A 15 -10.25 4.17 -26.60
N SER A 16 -9.07 4.49 -25.99
CA SER A 16 -8.72 3.95 -24.68
C SER A 16 -9.76 4.37 -23.65
N GLN A 17 -10.09 5.65 -23.62
CA GLN A 17 -11.16 6.11 -22.73
C GLN A 17 -12.36 5.16 -22.80
N VAL A 18 -12.90 4.92 -24.01
CA VAL A 18 -14.08 4.09 -24.15
C VAL A 18 -13.80 2.67 -23.65
N VAL A 19 -12.70 2.03 -24.08
CA VAL A 19 -12.52 0.60 -23.83
C VAL A 19 -12.17 0.36 -22.36
N TRP A 20 -11.34 1.23 -21.78
CA TRP A 20 -10.92 1.07 -20.39
C TRP A 20 -12.12 1.30 -19.45
N ASN A 21 -12.99 2.26 -19.80
CA ASN A 21 -14.17 2.56 -19.02
C ASN A 21 -15.11 1.35 -19.00
N GLU A 22 -15.30 0.70 -20.15
CA GLU A 22 -16.12 -0.51 -20.24
C GLU A 22 -15.48 -1.62 -19.41
N TYR A 23 -14.17 -1.77 -19.49
CA TYR A 23 -13.50 -2.81 -18.73
C TYR A 23 -13.64 -2.53 -17.22
N ALA A 24 -13.43 -1.28 -16.81
CA ALA A 24 -13.47 -0.92 -15.39
C ALA A 24 -14.84 -1.22 -14.79
N GLY A 25 -15.91 -1.01 -15.59
CA GLY A 25 -17.30 -1.22 -15.20
C GLY A 25 -17.57 -2.69 -14.86
N ALA A 26 -17.09 -3.58 -15.74
CA ALA A 26 -17.23 -5.01 -15.58
C ALA A 26 -16.35 -5.53 -14.45
N ASN A 27 -15.17 -4.92 -14.21
CA ASN A 27 -14.30 -5.32 -13.13
C ASN A 27 -14.91 -4.95 -11.77
N TRP A 28 -15.52 -3.75 -11.73
CA TRP A 28 -16.25 -3.29 -10.55
C TRP A 28 -17.38 -4.28 -10.21
N ASN A 29 -18.25 -4.52 -11.20
CA ASN A 29 -19.42 -5.39 -11.08
C ASN A 29 -19.08 -6.81 -10.67
N TYR A 30 -17.88 -7.32 -10.93
CA TYR A 30 -17.50 -8.62 -10.40
C TYR A 30 -16.86 -8.50 -9.01
N ASN A 31 -16.14 -7.38 -8.76
CA ASN A 31 -15.47 -7.17 -7.49
C ASN A 31 -16.49 -6.99 -6.35
N THR A 32 -17.63 -6.36 -6.68
CA THR A 32 -18.68 -6.04 -5.73
C THR A 32 -19.81 -7.10 -5.75
N ASN A 33 -20.43 -7.36 -6.92
CA ASN A 33 -21.54 -8.29 -7.06
C ASN A 33 -21.08 -9.56 -7.78
N ILE A 34 -20.13 -10.35 -7.19
CA ILE A 34 -19.80 -11.63 -7.79
C ILE A 34 -21.09 -12.36 -8.20
N THR A 35 -21.03 -12.93 -9.41
CA THR A 35 -22.13 -13.55 -10.13
C THR A 35 -21.41 -14.36 -11.20
N THR A 36 -22.00 -15.46 -11.70
CA THR A 36 -21.39 -16.20 -12.82
C THR A 36 -21.44 -15.27 -14.03
N GLU A 37 -22.56 -14.54 -14.17
CA GLU A 37 -22.78 -13.57 -15.22
C GLU A 37 -21.85 -12.34 -15.15
N THR A 38 -21.50 -11.80 -13.96
CA THR A 38 -20.61 -10.64 -13.93
C THR A 38 -19.19 -11.10 -14.24
N SER A 39 -18.84 -12.31 -13.78
CA SER A 39 -17.57 -12.93 -14.11
C SER A 39 -17.48 -13.29 -15.60
N LYS A 40 -18.62 -13.51 -16.26
CA LYS A 40 -18.67 -13.82 -17.68
C LYS A 40 -18.54 -12.53 -18.50
N ILE A 41 -19.18 -11.44 -18.04
CA ILE A 41 -19.04 -10.14 -18.69
C ILE A 41 -17.60 -9.65 -18.52
N LEU A 42 -16.97 -9.97 -17.38
CA LEU A 42 -15.57 -9.61 -17.11
C LEU A 42 -14.67 -10.33 -18.12
N LEU A 43 -15.00 -11.59 -18.44
CA LEU A 43 -14.20 -12.40 -19.33
C LEU A 43 -14.23 -11.85 -20.75
N GLN A 44 -15.39 -11.39 -21.21
CA GLN A 44 -15.53 -10.73 -22.51
C GLN A 44 -14.67 -9.48 -22.54
N LYS A 45 -14.75 -8.63 -21.52
CA LYS A 45 -14.06 -7.34 -21.53
C LYS A 45 -12.54 -7.51 -21.49
N ASN A 46 -12.04 -8.60 -20.88
CA ASN A 46 -10.63 -8.96 -20.94
C ASN A 46 -10.17 -9.12 -22.39
N MET A 47 -11.06 -9.67 -23.23
CA MET A 47 -10.72 -9.96 -24.61
C MET A 47 -10.72 -8.66 -25.39
N GLN A 48 -11.68 -7.77 -25.09
CA GLN A 48 -11.83 -6.48 -25.74
C GLN A 48 -10.59 -5.62 -25.49
N ILE A 49 -10.19 -5.50 -24.22
CA ILE A 49 -9.13 -4.57 -23.89
C ILE A 49 -7.78 -5.07 -24.43
N ALA A 50 -7.58 -6.40 -24.41
CA ALA A 50 -6.40 -7.04 -25.00
C ALA A 50 -6.28 -6.72 -26.48
N GLN A 51 -7.38 -6.92 -27.23
CA GLN A 51 -7.41 -6.61 -28.65
C GLN A 51 -7.07 -5.15 -28.94
N HIS A 52 -7.58 -4.22 -28.11
CA HIS A 52 -7.30 -2.82 -28.31
C HIS A 52 -5.84 -2.56 -27.94
N THR A 53 -5.35 -3.20 -26.88
CA THR A 53 -3.97 -2.98 -26.47
C THR A 53 -3.03 -3.54 -27.56
N LEU A 54 -3.35 -4.72 -28.10
CA LEU A 54 -2.57 -5.29 -29.20
C LEU A 54 -2.60 -4.39 -30.44
N LYS A 55 -3.78 -3.87 -30.78
CA LYS A 55 -3.95 -3.05 -31.97
C LYS A 55 -3.12 -1.76 -31.91
N TYR A 56 -3.26 -0.97 -30.84
CA TYR A 56 -2.61 0.32 -30.77
C TYR A 56 -1.11 0.16 -30.41
N GLY A 57 -0.79 -0.92 -29.69
CA GLY A 57 0.59 -1.26 -29.36
C GLY A 57 1.41 -1.64 -30.59
N THR A 58 0.81 -2.41 -31.50
CA THR A 58 1.42 -2.76 -32.77
C THR A 58 1.63 -1.49 -33.62
N GLN A 59 0.63 -0.59 -33.66
CA GLN A 59 0.76 0.68 -34.35
C GLN A 59 1.84 1.54 -33.69
N ALA A 60 1.81 1.65 -32.36
CA ALA A 60 2.80 2.44 -31.62
C ALA A 60 4.24 2.02 -31.90
N ARG A 61 4.48 0.72 -32.12
CA ARG A 61 5.83 0.17 -32.27
C ARG A 61 6.41 0.46 -33.65
N LYS A 62 5.61 0.99 -34.57
CA LYS A 62 6.07 1.30 -35.91
C LYS A 62 6.77 2.65 -35.92
N PHE A 63 6.47 3.51 -34.92
CA PHE A 63 7.13 4.80 -34.80
C PHE A 63 8.53 4.60 -34.22
N ASP A 64 9.50 5.38 -34.70
CA ASP A 64 10.82 5.49 -34.10
C ASP A 64 10.80 6.67 -33.11
N VAL A 65 10.67 6.31 -31.86
CA VAL A 65 10.63 7.29 -30.79
C VAL A 65 11.94 8.09 -30.78
N ASN A 66 13.05 7.47 -31.21
CA ASN A 66 14.36 8.13 -31.26
C ASN A 66 14.29 9.40 -32.11
N GLN A 67 13.38 9.46 -33.08
CA GLN A 67 13.34 10.56 -34.02
C GLN A 67 12.09 11.43 -33.84
N LEU A 68 11.51 11.46 -32.64
CA LEU A 68 10.36 12.32 -32.39
C LEU A 68 10.79 13.49 -31.52
N GLN A 69 10.20 14.66 -31.80
CA GLN A 69 10.68 15.91 -31.23
C GLN A 69 9.83 16.30 -30.02
N ASN A 70 8.50 16.36 -30.19
CA ASN A 70 7.58 16.65 -29.09
C ASN A 70 7.67 15.57 -28.01
N THR A 71 7.93 15.97 -26.76
CA THR A 71 8.36 15.05 -25.73
C THR A 71 7.17 14.34 -25.08
N THR A 72 6.01 15.01 -25.02
CA THR A 72 4.76 14.41 -24.59
C THR A 72 4.40 13.25 -25.52
N ILE A 73 4.37 13.50 -26.84
CA ILE A 73 3.92 12.51 -27.79
C ILE A 73 4.90 11.33 -27.81
N LYS A 74 6.20 11.64 -27.70
CA LYS A 74 7.24 10.63 -27.58
C LYS A 74 7.02 9.77 -26.34
N ARG A 75 6.70 10.38 -25.21
CA ARG A 75 6.47 9.65 -23.98
C ARG A 75 5.22 8.74 -24.04
N ILE A 76 4.11 9.30 -24.54
CA ILE A 76 2.88 8.55 -24.69
C ILE A 76 3.12 7.35 -25.59
N ILE A 77 3.80 7.58 -26.71
CA ILE A 77 3.99 6.53 -27.69
C ILE A 77 4.85 5.43 -27.09
N LYS A 78 5.84 5.83 -26.27
CA LYS A 78 6.72 4.87 -25.63
C LYS A 78 5.93 3.94 -24.70
N LYS A 79 5.05 4.53 -23.88
CA LYS A 79 4.19 3.73 -23.01
C LYS A 79 3.33 2.74 -23.81
N VAL A 80 2.68 3.23 -24.88
CA VAL A 80 1.75 2.41 -25.64
C VAL A 80 2.50 1.24 -26.29
N GLN A 81 3.82 1.38 -26.48
CA GLN A 81 4.62 0.30 -27.08
C GLN A 81 4.70 -0.93 -26.19
N ASP A 82 4.46 -0.73 -24.90
CA ASP A 82 4.48 -1.79 -23.92
C ASP A 82 3.05 -2.32 -23.83
N LEU A 83 2.81 -3.50 -24.42
CA LEU A 83 1.50 -4.15 -24.49
C LEU A 83 1.13 -4.92 -23.22
N GLN A 84 2.05 -5.05 -22.24
CA GLN A 84 1.82 -5.88 -21.05
C GLN A 84 1.37 -7.28 -21.49
N ARG A 85 0.32 -7.83 -20.88
CA ARG A 85 -0.10 -9.22 -21.16
C ARG A 85 -0.62 -9.39 -22.60
N ALA A 86 -1.12 -8.32 -23.21
CA ALA A 86 -1.63 -8.44 -24.58
C ALA A 86 -0.53 -8.81 -25.57
N ALA A 87 0.75 -8.79 -25.15
CA ALA A 87 1.81 -9.27 -26.04
C ALA A 87 1.80 -10.80 -26.10
N LEU A 88 1.17 -11.46 -25.14
CA LEU A 88 1.21 -12.91 -25.10
C LEU A 88 0.45 -13.48 -26.29
N PRO A 89 0.79 -14.71 -26.76
CA PRO A 89 -0.10 -15.42 -27.66
C PRO A 89 -1.43 -15.73 -26.96
N ALA A 90 -2.44 -16.09 -27.74
CA ALA A 90 -3.82 -16.16 -27.29
C ALA A 90 -4.02 -17.17 -26.16
N GLN A 91 -3.48 -18.37 -26.30
CA GLN A 91 -3.62 -19.43 -25.32
C GLN A 91 -3.11 -18.94 -23.97
N GLU A 92 -1.91 -18.35 -23.99
CA GLU A 92 -1.17 -17.93 -22.80
C GLU A 92 -1.86 -16.75 -22.16
N LEU A 93 -2.39 -15.83 -22.98
CA LEU A 93 -3.13 -14.70 -22.43
C LEU A 93 -4.35 -15.21 -21.66
N GLU A 94 -5.10 -16.11 -22.30
CA GLU A 94 -6.28 -16.67 -21.67
C GLU A 94 -5.91 -17.26 -20.30
N GLU A 95 -4.84 -18.07 -20.29
CA GLU A 95 -4.40 -18.84 -19.15
C GLU A 95 -3.94 -17.93 -18.02
N TYR A 96 -3.30 -16.83 -18.41
CA TYR A 96 -2.78 -15.85 -17.46
C TYR A 96 -3.95 -15.11 -16.82
N ASN A 97 -4.94 -14.67 -17.60
CA ASN A 97 -6.10 -13.98 -17.03
C ASN A 97 -6.86 -14.91 -16.06
N LYS A 98 -6.98 -16.20 -16.40
N LYS A 98 -7.01 -16.18 -16.44
CA LYS A 98 -7.66 -17.18 -15.58
CA LYS A 98 -7.63 -17.18 -15.59
C LYS A 98 -6.88 -17.45 -14.28
C LYS A 98 -6.86 -17.30 -14.27
N ILE A 99 -5.54 -17.48 -14.36
CA ILE A 99 -4.69 -17.65 -13.18
C ILE A 99 -4.88 -16.48 -12.24
N LEU A 100 -4.85 -15.24 -12.75
CA LEU A 100 -5.02 -14.06 -11.91
C LEU A 100 -6.38 -14.13 -11.20
N LEU A 101 -7.44 -14.48 -11.93
CA LEU A 101 -8.77 -14.58 -11.36
C LEU A 101 -8.83 -15.65 -10.27
N ASP A 102 -8.27 -16.84 -10.54
CA ASP A 102 -8.30 -17.98 -9.63
C ASP A 102 -7.57 -17.63 -8.33
N MET A 103 -6.39 -17.01 -8.46
CA MET A 103 -5.60 -16.60 -7.29
C MET A 103 -6.36 -15.56 -6.44
N GLU A 104 -6.88 -14.52 -7.09
CA GLU A 104 -7.61 -13.46 -6.42
C GLU A 104 -8.91 -13.97 -5.76
N THR A 105 -9.66 -14.84 -6.45
CA THR A 105 -10.85 -15.47 -5.90
C THR A 105 -10.49 -16.37 -4.70
N THR A 106 -9.52 -17.27 -4.87
CA THR A 106 -9.06 -18.15 -3.80
C THR A 106 -8.76 -17.35 -2.52
N TYR A 107 -8.05 -16.25 -2.64
CA TYR A 107 -7.67 -15.47 -1.47
C TYR A 107 -8.91 -14.84 -0.84
N SER A 108 -9.84 -14.37 -1.69
N SER A 108 -9.83 -14.35 -1.68
CA SER A 108 -10.91 -13.54 -1.20
CA SER A 108 -10.94 -13.54 -1.21
C SER A 108 -12.02 -14.37 -0.57
C SER A 108 -12.02 -14.38 -0.52
N VAL A 109 -12.07 -15.69 -0.81
CA VAL A 109 -13.13 -16.53 -0.26
C VAL A 109 -12.61 -17.49 0.81
N ALA A 110 -11.30 -17.50 1.09
CA ALA A 110 -10.74 -18.43 2.05
C ALA A 110 -11.33 -18.16 3.44
N THR A 111 -11.55 -19.21 4.22
CA THR A 111 -12.04 -19.10 5.59
C THR A 111 -11.33 -20.12 6.49
N VAL A 112 -11.31 -19.82 7.78
CA VAL A 112 -10.64 -20.66 8.75
C VAL A 112 -11.69 -21.10 9.77
N CYS A 113 -11.90 -22.42 9.88
CA CYS A 113 -13.05 -22.96 10.58
C CYS A 113 -12.63 -23.68 11.86
N HIS A 114 -13.34 -23.43 12.96
CA HIS A 114 -13.39 -24.35 14.11
C HIS A 114 -14.26 -25.56 13.79
N PRO A 115 -13.85 -26.79 14.17
CA PRO A 115 -14.70 -27.95 13.92
C PRO A 115 -15.96 -27.83 14.75
N GLN A 116 -17.10 -28.12 14.13
CA GLN A 116 -18.40 -28.00 14.79
C GLN A 116 -18.56 -26.60 15.39
N GLY A 117 -17.95 -25.60 14.74
CA GLY A 117 -18.04 -24.20 15.14
C GLY A 117 -18.05 -23.28 13.93
N SER A 118 -17.86 -21.98 14.16
CA SER A 118 -18.00 -20.99 13.09
C SER A 118 -16.76 -20.98 12.20
N CYS A 119 -16.95 -20.57 10.94
CA CYS A 119 -15.85 -20.33 10.01
C CYS A 119 -15.61 -18.83 9.94
N LEU A 120 -14.32 -18.43 10.01
CA LEU A 120 -13.97 -17.01 10.07
C LEU A 120 -13.32 -16.60 8.75
N GLN A 121 -13.71 -15.43 8.29
CA GLN A 121 -13.09 -14.76 7.17
C GLN A 121 -11.99 -13.83 7.66
N LEU A 122 -11.07 -13.47 6.76
CA LEU A 122 -10.00 -12.55 7.07
C LEU A 122 -10.57 -11.25 7.62
N GLU A 123 -11.56 -10.67 6.94
CA GLU A 123 -12.05 -9.34 7.26
C GLU A 123 -13.55 -9.46 7.48
N PRO A 124 -14.11 -9.15 8.67
CA PRO A 124 -13.36 -8.60 9.80
C PRO A 124 -12.83 -9.61 10.84
N ASP A 125 -13.15 -10.90 10.69
CA ASP A 125 -13.09 -11.83 11.83
C ASP A 125 -11.64 -12.06 12.28
N LEU A 126 -10.76 -12.46 11.36
CA LEU A 126 -9.40 -12.87 11.74
C LEU A 126 -8.57 -11.64 12.05
N THR A 127 -8.80 -10.54 11.34
CA THR A 127 -8.06 -9.33 11.66
C THR A 127 -8.41 -8.86 13.07
N ASN A 128 -9.70 -9.00 13.47
CA ASN A 128 -10.12 -8.62 14.82
C ASN A 128 -9.36 -9.44 15.86
N VAL A 129 -9.23 -10.75 15.59
CA VAL A 129 -8.58 -11.68 16.50
C VAL A 129 -7.12 -11.23 16.62
N MET A 130 -6.45 -10.99 15.50
CA MET A 130 -5.03 -10.62 15.54
C MET A 130 -4.87 -9.30 16.29
N ALA A 131 -5.82 -8.35 16.14
CA ALA A 131 -5.79 -7.05 16.80
C ALA A 131 -6.05 -7.08 18.30
N THR A 132 -6.91 -7.97 18.82
CA THR A 132 -7.42 -7.81 20.18
C THR A 132 -7.05 -9.00 21.08
N SER A 133 -6.80 -10.21 20.53
CA SER A 133 -6.49 -11.32 21.41
C SER A 133 -5.12 -11.08 22.04
N ARG A 134 -5.02 -11.43 23.31
CA ARG A 134 -3.74 -11.39 24.01
C ARG A 134 -3.30 -12.79 24.45
N LYS A 135 -3.74 -13.83 23.73
CA LYS A 135 -3.49 -15.19 24.13
C LYS A 135 -2.73 -15.89 23.02
N TYR A 136 -1.55 -16.40 23.38
CA TYR A 136 -0.59 -16.97 22.43
C TYR A 136 -1.30 -17.99 21.52
N GLU A 137 -2.08 -18.90 22.10
CA GLU A 137 -2.69 -20.00 21.36
C GLU A 137 -3.80 -19.53 20.40
N ASP A 138 -4.58 -18.51 20.82
CA ASP A 138 -5.67 -17.93 20.02
C ASP A 138 -5.08 -17.18 18.83
N LEU A 139 -4.00 -16.45 19.08
CA LEU A 139 -3.34 -15.77 17.98
C LEU A 139 -2.74 -16.77 17.01
N LEU A 140 -2.15 -17.83 17.56
CA LEU A 140 -1.50 -18.82 16.71
C LEU A 140 -2.54 -19.51 15.85
N TRP A 141 -3.71 -19.87 16.42
CA TRP A 141 -4.78 -20.48 15.63
C TRP A 141 -5.11 -19.66 14.38
N ALA A 142 -5.26 -18.35 14.54
CA ALA A 142 -5.66 -17.48 13.44
C ALA A 142 -4.51 -17.33 12.42
N TRP A 143 -3.27 -17.16 12.95
CA TRP A 143 -2.10 -16.88 12.13
C TRP A 143 -1.78 -18.08 11.24
N GLU A 144 -1.79 -19.27 11.85
CA GLU A 144 -1.48 -20.50 11.14
C GLU A 144 -2.63 -20.93 10.24
N GLY A 145 -3.86 -20.79 10.72
CA GLY A 145 -5.05 -21.16 9.94
C GLY A 145 -5.15 -20.35 8.64
N TRP A 146 -4.91 -19.05 8.73
CA TRP A 146 -4.98 -18.20 7.54
C TRP A 146 -3.95 -18.65 6.51
N ARG A 147 -2.73 -18.96 6.97
CA ARG A 147 -1.70 -19.50 6.09
C ARG A 147 -2.07 -20.87 5.53
N ASP A 148 -2.69 -21.73 6.35
CA ASP A 148 -3.06 -23.07 5.91
C ASP A 148 -4.11 -22.98 4.82
N LYS A 149 -5.04 -22.01 4.93
CA LYS A 149 -6.22 -21.97 4.08
C LYS A 149 -6.05 -21.05 2.89
N ALA A 150 -5.42 -19.87 3.06
CA ALA A 150 -5.15 -18.97 1.94
C ALA A 150 -3.79 -19.28 1.30
N GLY A 151 -2.71 -19.28 2.09
CA GLY A 151 -1.36 -19.44 1.56
C GLY A 151 -1.19 -20.75 0.79
N ARG A 152 -1.56 -21.87 1.39
CA ARG A 152 -1.30 -23.16 0.78
C ARG A 152 -2.09 -23.31 -0.52
N ALA A 153 -3.27 -22.66 -0.60
CA ALA A 153 -4.16 -22.80 -1.75
C ALA A 153 -3.72 -21.92 -2.92
N ILE A 154 -2.86 -20.92 -2.70
CA ILE A 154 -2.34 -20.11 -3.79
C ILE A 154 -1.15 -20.84 -4.46
N LEU A 155 -0.50 -21.77 -3.75
CA LEU A 155 0.74 -22.36 -4.22
C LEU A 155 0.53 -22.98 -5.59
N GLN A 156 -0.58 -23.68 -5.84
CA GLN A 156 -0.66 -24.44 -7.07
C GLN A 156 -0.59 -23.51 -8.29
N PHE A 157 -0.94 -22.22 -8.13
CA PHE A 157 -1.03 -21.27 -9.22
C PHE A 157 0.29 -20.50 -9.46
N TYR A 158 1.16 -20.36 -8.46
CA TYR A 158 2.17 -19.32 -8.46
C TYR A 158 3.23 -19.58 -9.51
N PRO A 159 3.86 -20.77 -9.63
CA PRO A 159 4.88 -20.98 -10.65
C PRO A 159 4.46 -20.64 -12.07
N LYS A 160 3.25 -21.04 -12.48
CA LYS A 160 2.72 -20.73 -13.80
C LYS A 160 2.46 -19.22 -13.93
N TYR A 161 1.92 -18.60 -12.89
CA TYR A 161 1.80 -17.14 -12.86
C TYR A 161 3.14 -16.48 -13.16
N VAL A 162 4.19 -16.92 -12.48
CA VAL A 162 5.50 -16.35 -12.68
C VAL A 162 5.95 -16.55 -14.12
N GLU A 163 5.79 -17.75 -14.62
CA GLU A 163 6.17 -18.06 -15.99
C GLU A 163 5.53 -17.06 -16.95
N LEU A 164 4.24 -16.80 -16.76
CA LEU A 164 3.45 -16.03 -17.71
C LEU A 164 3.69 -14.52 -17.57
N ILE A 165 3.81 -14.02 -16.34
CA ILE A 165 4.06 -12.59 -16.17
C ILE A 165 5.46 -12.23 -16.68
N ASN A 166 6.41 -13.15 -16.52
CA ASN A 166 7.76 -12.99 -17.05
C ASN A 166 7.76 -13.07 -18.59
N GLN A 167 7.03 -14.03 -19.15
CA GLN A 167 6.97 -14.17 -20.60
C GLN A 167 6.47 -12.87 -21.23
N ALA A 168 5.40 -12.26 -20.67
CA ALA A 168 4.88 -10.97 -21.14
C ALA A 168 5.93 -9.85 -21.03
N ALA A 169 6.64 -9.80 -19.90
CA ALA A 169 7.68 -8.82 -19.69
C ALA A 169 8.76 -8.89 -20.78
N ARG A 170 9.25 -10.11 -21.05
CA ARG A 170 10.29 -10.32 -22.06
C ARG A 170 9.78 -9.93 -23.45
N LEU A 171 8.49 -10.16 -23.73
CA LEU A 171 7.97 -9.79 -25.04
C LEU A 171 7.83 -8.27 -25.17
N ASN A 172 7.91 -7.55 -24.05
CA ASN A 172 7.83 -6.10 -24.06
C ASN A 172 9.21 -5.45 -23.87
N GLY A 173 10.29 -6.24 -23.94
CA GLY A 173 11.63 -5.69 -23.93
C GLY A 173 12.31 -5.68 -22.56
N TYR A 174 11.71 -6.29 -21.53
CA TYR A 174 12.28 -6.39 -20.20
C TYR A 174 12.89 -7.77 -19.98
N VAL A 175 13.71 -7.94 -18.94
CA VAL A 175 14.36 -9.23 -18.74
C VAL A 175 13.43 -10.15 -17.95
N ASP A 176 12.55 -9.56 -17.14
CA ASP A 176 11.61 -10.31 -16.29
C ASP A 176 10.59 -9.31 -15.76
N ALA A 177 9.62 -9.79 -14.98
CA ALA A 177 8.52 -8.94 -14.55
C ALA A 177 8.97 -7.93 -13.51
N GLY A 178 9.97 -8.22 -12.67
CA GLY A 178 10.43 -7.26 -11.67
C GLY A 178 11.11 -6.05 -12.31
N ASP A 179 11.88 -6.37 -13.36
CA ASP A 179 12.50 -5.37 -14.20
C ASP A 179 11.42 -4.42 -14.72
N SER A 180 10.34 -4.99 -15.25
N SER A 180 10.32 -4.98 -15.23
CA SER A 180 9.27 -4.16 -15.79
CA SER A 180 9.25 -4.16 -15.79
C SER A 180 8.66 -3.32 -14.67
C SER A 180 8.61 -3.33 -14.68
N TRP A 181 8.48 -3.90 -13.48
CA TRP A 181 7.85 -3.15 -12.39
C TRP A 181 8.77 -2.03 -11.91
N ARG A 182 10.05 -2.35 -11.76
CA ARG A 182 11.02 -1.35 -11.33
C ARG A 182 11.03 -0.18 -12.31
N SER A 183 10.80 -0.46 -13.60
CA SER A 183 10.89 0.55 -14.65
C SER A 183 9.89 1.69 -14.43
N MET A 184 8.86 1.48 -13.62
CA MET A 184 7.82 2.47 -13.45
C MET A 184 8.35 3.72 -12.76
N TYR A 185 9.49 3.58 -12.04
CA TYR A 185 10.14 4.69 -11.33
C TYR A 185 11.08 5.51 -12.26
N GLU A 186 11.44 4.97 -13.43
CA GLU A 186 12.36 5.61 -14.38
C GLU A 186 13.63 6.11 -13.69
N THR A 187 14.22 5.24 -12.87
CA THR A 187 15.32 5.61 -11.98
C THR A 187 16.33 4.46 -11.99
N PRO A 188 17.39 4.54 -12.82
CA PRO A 188 18.36 3.45 -12.91
C PRO A 188 19.00 3.10 -11.58
N SER A 189 19.13 4.08 -10.67
CA SER A 189 19.76 3.91 -9.37
C SER A 189 18.76 3.41 -8.29
N LEU A 190 17.56 2.97 -8.71
CA LEU A 190 16.49 2.68 -7.76
C LEU A 190 16.89 1.73 -6.64
N GLU A 191 17.49 0.58 -6.99
CA GLU A 191 17.75 -0.43 -5.97
C GLU A 191 18.71 0.14 -4.92
N GLN A 192 19.76 0.86 -5.32
CA GLN A 192 20.69 1.41 -4.34
C GLN A 192 20.08 2.58 -3.56
N ASP A 193 19.25 3.39 -4.19
CA ASP A 193 18.61 4.49 -3.48
C ASP A 193 17.73 3.96 -2.35
N LEU A 194 16.97 2.91 -2.66
CA LEU A 194 16.05 2.32 -1.69
C LEU A 194 16.83 1.66 -0.57
N GLU A 195 17.88 0.89 -0.90
CA GLU A 195 18.79 0.27 0.05
C GLU A 195 19.32 1.32 1.05
N ARG A 196 19.79 2.45 0.53
CA ARG A 196 20.28 3.53 1.36
C ARG A 196 19.18 4.06 2.29
N LEU A 197 17.97 4.28 1.77
CA LEU A 197 16.87 4.77 2.61
C LEU A 197 16.57 3.79 3.76
N PHE A 198 16.55 2.49 3.42
CA PHE A 198 16.28 1.46 4.41
C PHE A 198 17.32 1.50 5.54
N GLN A 199 18.59 1.64 5.15
CA GLN A 199 19.72 1.60 6.07
C GLN A 199 19.61 2.77 7.03
N GLU A 200 19.09 3.90 6.57
CA GLU A 200 18.95 5.06 7.43
C GLU A 200 17.92 4.86 8.52
N LEU A 201 16.92 3.99 8.29
CA LEU A 201 15.86 3.72 9.26
C LEU A 201 16.21 2.58 10.23
N GLN A 202 17.38 1.95 10.08
CA GLN A 202 17.74 0.81 10.88
C GLN A 202 17.90 1.16 12.36
N PRO A 203 18.54 2.27 12.78
CA PRO A 203 18.60 2.54 14.21
C PRO A 203 17.22 2.63 14.85
N LEU A 204 16.33 3.38 14.23
CA LEU A 204 15.01 3.57 14.79
C LEU A 204 14.26 2.23 14.84
N TYR A 205 14.32 1.42 13.77
CA TYR A 205 13.65 0.13 13.78
C TYR A 205 14.25 -0.83 14.82
N LEU A 206 15.58 -0.93 14.87
CA LEU A 206 16.20 -1.87 15.81
C LEU A 206 15.87 -1.49 17.25
N ASN A 207 15.80 -0.20 17.56
CA ASN A 207 15.46 0.27 18.91
C ASN A 207 13.96 0.02 19.22
N LEU A 208 13.06 0.26 18.25
CA LEU A 208 11.65 -0.05 18.41
C LEU A 208 11.45 -1.55 18.64
N HIS A 209 12.09 -2.37 17.80
CA HIS A 209 12.02 -3.82 17.90
C HIS A 209 12.43 -4.30 19.28
N ALA A 210 13.55 -3.79 19.81
CA ALA A 210 14.07 -4.25 21.08
C ALA A 210 13.11 -3.91 22.21
N TYR A 211 12.54 -2.70 22.14
CA TYR A 211 11.61 -2.23 23.14
C TYR A 211 10.31 -3.04 23.15
N VAL A 212 9.78 -3.27 21.96
CA VAL A 212 8.56 -4.08 21.82
C VAL A 212 8.86 -5.51 22.28
N ARG A 213 10.02 -6.08 21.89
CA ARG A 213 10.39 -7.43 22.28
C ARG A 213 10.40 -7.57 23.82
N ARG A 214 10.99 -6.58 24.51
CA ARG A 214 10.98 -6.55 25.97
C ARG A 214 9.54 -6.55 26.53
N ALA A 215 8.63 -5.76 25.93
CA ALA A 215 7.26 -5.69 26.42
C ALA A 215 6.51 -7.02 26.16
N LEU A 216 6.77 -7.65 25.01
CA LEU A 216 6.20 -8.97 24.76
C LEU A 216 6.73 -10.01 25.74
N HIS A 217 8.01 -9.89 26.14
CA HIS A 217 8.58 -10.78 27.12
C HIS A 217 7.81 -10.69 28.45
N ARG A 218 7.41 -9.47 28.81
CA ARG A 218 6.68 -9.23 30.03
C ARG A 218 5.28 -9.86 29.95
N HIS A 219 4.59 -9.77 28.82
CA HIS A 219 3.22 -10.28 28.71
C HIS A 219 3.21 -11.79 28.40
N TYR A 220 3.98 -12.28 27.42
CA TYR A 220 3.85 -13.63 26.91
C TYR A 220 4.78 -14.61 27.64
N GLY A 221 5.65 -14.07 28.50
CA GLY A 221 6.49 -14.90 29.36
C GLY A 221 7.88 -15.14 28.78
N ALA A 222 8.86 -15.27 29.68
CA ALA A 222 10.25 -15.51 29.32
C ALA A 222 10.45 -16.80 28.50
N GLN A 223 9.60 -17.79 28.73
CA GLN A 223 9.72 -19.04 27.98
C GLN A 223 9.34 -18.87 26.52
N HIS A 224 8.65 -17.76 26.15
CA HIS A 224 8.10 -17.62 24.78
C HIS A 224 8.76 -16.48 23.99
N ILE A 225 9.64 -15.71 24.65
CA ILE A 225 10.29 -14.57 24.03
C ILE A 225 11.77 -14.61 24.39
N ASN A 226 12.63 -14.64 23.36
CA ASN A 226 14.07 -14.58 23.49
C ASN A 226 14.52 -13.13 23.34
N LEU A 227 15.06 -12.56 24.41
CA LEU A 227 15.44 -11.14 24.47
C LEU A 227 16.60 -10.81 23.52
N GLU A 228 17.20 -11.86 22.94
CA GLU A 228 18.30 -11.72 21.99
C GLU A 228 17.94 -12.34 20.66
N GLY A 229 16.65 -12.62 20.46
CA GLY A 229 16.23 -13.26 19.23
C GLY A 229 15.15 -12.49 18.48
N PRO A 230 14.72 -13.11 17.35
CA PRO A 230 13.58 -12.62 16.59
C PRO A 230 12.28 -12.75 17.37
N ILE A 231 11.30 -11.90 17.04
CA ILE A 231 9.99 -11.90 17.67
C ILE A 231 9.06 -12.86 16.93
N PRO A 232 8.27 -13.72 17.63
CA PRO A 232 7.31 -14.57 16.96
C PRO A 232 6.29 -13.75 16.16
N ALA A 233 6.00 -14.17 14.91
CA ALA A 233 5.33 -13.32 13.94
C ALA A 233 3.83 -13.08 14.22
N HIS A 234 3.26 -13.79 15.21
CA HIS A 234 1.82 -13.73 15.49
C HIS A 234 1.45 -12.77 16.63
N LEU A 235 2.41 -12.01 17.14
CA LEU A 235 2.19 -11.32 18.40
C LEU A 235 2.08 -9.80 18.22
N LEU A 236 2.07 -9.29 16.98
CA LEU A 236 2.30 -7.86 16.74
C LEU A 236 1.00 -7.13 16.41
N GLY A 237 -0.15 -7.82 16.49
CA GLY A 237 -1.46 -7.18 16.46
C GLY A 237 -2.05 -7.14 15.04
N ASN A 238 -1.39 -7.81 14.09
CA ASN A 238 -1.66 -7.71 12.67
C ASN A 238 -1.26 -9.02 12.00
N MET A 239 -2.05 -9.45 11.02
CA MET A 239 -1.88 -10.77 10.44
C MET A 239 -0.48 -10.98 9.85
N TRP A 240 0.12 -9.93 9.28
CA TRP A 240 1.44 -10.02 8.65
C TRP A 240 2.55 -9.36 9.48
N ALA A 241 2.21 -8.89 10.67
CA ALA A 241 3.14 -8.11 11.50
C ALA A 241 3.74 -6.93 10.73
N GLN A 242 2.93 -6.23 9.93
CA GLN A 242 3.42 -5.18 9.06
C GLN A 242 3.25 -3.82 9.73
N THR A 243 2.30 -3.75 10.66
CA THR A 243 2.05 -2.59 11.49
C THR A 243 1.70 -3.16 12.86
N TRP A 244 2.19 -2.49 13.91
CA TRP A 244 2.18 -3.01 15.26
C TRP A 244 1.28 -2.20 16.19
N SER A 245 0.48 -1.25 15.68
CA SER A 245 -0.16 -0.32 16.60
C SER A 245 -1.32 -0.94 17.41
N ASN A 246 -1.80 -2.13 17.04
CA ASN A 246 -2.81 -2.77 17.85
C ASN A 246 -2.23 -3.38 19.14
N ILE A 247 -0.90 -3.44 19.33
CA ILE A 247 -0.35 -3.83 20.64
C ILE A 247 0.19 -2.64 21.43
N TYR A 248 -0.27 -1.43 21.10
CA TYR A 248 0.04 -0.22 21.86
C TYR A 248 -0.17 -0.39 23.38
N ASP A 249 -1.32 -0.98 23.74
CA ASP A 249 -1.70 -1.20 25.13
C ASP A 249 -0.65 -2.04 25.87
N LEU A 250 0.11 -2.92 25.17
CA LEU A 250 1.14 -3.72 25.82
C LEU A 250 2.47 -2.95 25.99
N VAL A 251 2.71 -1.88 25.22
CA VAL A 251 4.00 -1.22 25.20
C VAL A 251 3.93 0.26 25.60
N VAL A 252 2.79 0.74 26.12
CA VAL A 252 2.61 2.15 26.42
C VAL A 252 3.81 2.63 27.24
N PRO A 253 4.56 3.66 26.77
CA PRO A 253 5.66 4.23 27.55
C PRO A 253 5.26 4.79 28.91
N PHE A 254 4.18 5.60 28.93
CA PHE A 254 3.69 6.27 30.13
C PHE A 254 2.22 5.92 30.36
N PRO A 255 1.92 4.74 30.96
CA PRO A 255 0.55 4.38 31.32
C PRO A 255 -0.23 5.49 32.02
N SER A 256 0.44 6.27 32.85
CA SER A 256 -0.26 7.25 33.68
C SER A 256 -0.86 8.35 32.81
N ALA A 257 -0.49 8.42 31.54
CA ALA A 257 -1.11 9.38 30.64
C ALA A 257 -2.47 8.84 30.21
N PRO A 258 -3.57 9.62 30.34
CA PRO A 258 -4.83 9.24 29.73
C PRO A 258 -4.82 9.42 28.22
N SER A 259 -5.15 8.34 27.49
CA SER A 259 -5.71 8.44 26.15
C SER A 259 -7.03 7.68 26.12
N MET A 260 -8.08 8.34 25.58
CA MET A 260 -9.36 7.70 25.29
C MET A 260 -9.18 6.69 24.16
N ASP A 261 -9.88 5.55 24.25
CA ASP A 261 -9.98 4.66 23.10
C ASP A 261 -10.94 5.31 22.11
N THR A 262 -10.40 5.60 20.92
CA THR A 262 -11.16 6.24 19.87
C THR A 262 -12.24 5.28 19.36
N THR A 263 -12.01 3.95 19.41
CA THR A 263 -12.98 3.01 18.86
C THR A 263 -14.31 3.18 19.60
N GLU A 264 -14.23 3.10 20.94
CA GLU A 264 -15.39 3.31 21.80
C GLU A 264 -16.07 4.64 21.47
N ALA A 265 -15.28 5.70 21.29
CA ALA A 265 -15.83 7.04 21.10
C ALA A 265 -16.50 7.16 19.72
N MET A 266 -15.91 6.50 18.73
CA MET A 266 -16.41 6.56 17.38
C MET A 266 -17.77 5.86 17.33
N LEU A 267 -17.80 4.62 17.87
CA LEU A 267 -19.00 3.80 17.93
C LEU A 267 -20.10 4.49 18.72
N LYS A 268 -19.79 4.90 19.96
CA LYS A 268 -20.78 5.51 20.82
C LYS A 268 -21.29 6.82 20.23
N GLN A 269 -20.47 7.55 19.46
CA GLN A 269 -20.92 8.86 18.98
C GLN A 269 -21.59 8.73 17.61
N GLY A 270 -21.77 7.49 17.15
CA GLY A 270 -22.59 7.20 15.99
C GLY A 270 -21.84 7.33 14.67
N TRP A 271 -20.52 7.21 14.68
CA TRP A 271 -19.77 7.20 13.43
C TRP A 271 -20.19 6.01 12.56
N THR A 272 -20.16 6.21 11.24
CA THR A 272 -20.48 5.16 10.27
C THR A 272 -19.42 5.16 9.20
N PRO A 273 -19.31 4.11 8.35
CA PRO A 273 -18.44 4.18 7.18
C PRO A 273 -18.69 5.46 6.39
N ARG A 274 -19.96 5.76 6.12
CA ARG A 274 -20.29 6.96 5.38
C ARG A 274 -19.70 8.20 6.08
N ARG A 275 -19.86 8.30 7.40
CA ARG A 275 -19.36 9.49 8.10
C ARG A 275 -17.82 9.53 8.02
N MET A 276 -17.15 8.39 8.02
CA MET A 276 -15.70 8.35 7.95
C MET A 276 -15.18 8.93 6.61
N PHE A 277 -15.89 8.68 5.49
CA PHE A 277 -15.49 9.20 4.18
C PHE A 277 -15.87 10.68 4.06
N LYS A 278 -16.95 11.11 4.68
CA LYS A 278 -17.29 12.54 4.71
C LYS A 278 -16.24 13.36 5.48
N GLU A 279 -15.69 12.80 6.56
CA GLU A 279 -14.62 13.47 7.28
C GLU A 279 -13.36 13.58 6.40
N ALA A 280 -12.97 12.50 5.72
CA ALA A 280 -11.86 12.53 4.78
C ALA A 280 -12.08 13.59 3.70
N ASP A 281 -13.22 13.50 3.00
CA ASP A 281 -13.58 14.47 1.98
C ASP A 281 -13.49 15.91 2.51
N ASP A 282 -13.98 16.11 3.74
CA ASP A 282 -14.01 17.43 4.34
C ASP A 282 -12.59 17.96 4.64
N PHE A 283 -11.65 17.06 4.89
CA PHE A 283 -10.28 17.47 5.17
C PHE A 283 -9.60 17.95 3.87
N PHE A 284 -9.82 17.22 2.76
CA PHE A 284 -9.32 17.58 1.45
C PHE A 284 -9.82 18.97 1.08
N THR A 285 -11.13 19.17 1.19
CA THR A 285 -11.69 20.47 0.86
C THR A 285 -11.25 21.54 1.85
N SER A 286 -10.91 21.19 3.11
CA SER A 286 -10.34 22.20 4.00
C SER A 286 -9.04 22.78 3.42
N LEU A 287 -8.27 21.95 2.70
CA LEU A 287 -7.00 22.35 2.09
C LEU A 287 -7.23 23.07 0.77
N GLY A 288 -8.50 23.20 0.34
CA GLY A 288 -8.81 23.80 -0.94
C GLY A 288 -8.72 22.79 -2.08
N LEU A 289 -8.60 21.50 -1.75
CA LEU A 289 -8.60 20.46 -2.77
C LEU A 289 -10.03 20.11 -3.17
N LEU A 290 -10.16 19.22 -4.16
CA LEU A 290 -11.43 18.96 -4.80
C LEU A 290 -12.32 18.07 -3.93
N PRO A 291 -13.64 18.36 -3.88
CA PRO A 291 -14.61 17.43 -3.31
C PRO A 291 -14.80 16.23 -4.23
N VAL A 292 -15.20 15.07 -3.70
CA VAL A 292 -15.54 13.94 -4.55
C VAL A 292 -16.88 14.27 -5.20
N PRO A 293 -17.18 13.89 -6.47
CA PRO A 293 -18.45 14.29 -7.09
C PRO A 293 -19.66 13.65 -6.44
N PRO A 294 -20.88 14.20 -6.66
CA PRO A 294 -22.11 13.53 -6.23
C PRO A 294 -22.13 12.03 -6.55
N GLU A 295 -21.61 11.67 -7.72
CA GLU A 295 -21.67 10.30 -8.20
C GLU A 295 -20.91 9.34 -7.28
N PHE A 296 -19.79 9.79 -6.70
CA PHE A 296 -19.02 8.97 -5.79
C PHE A 296 -19.90 8.40 -4.65
N TRP A 297 -20.67 9.26 -4.03
CA TRP A 297 -21.57 8.86 -2.95
C TRP A 297 -22.62 7.85 -3.44
N GLN A 298 -23.12 8.00 -4.68
CA GLN A 298 -24.09 7.07 -5.23
C GLN A 298 -23.53 5.68 -5.52
N LYS A 299 -22.31 5.56 -6.04
CA LYS A 299 -21.89 4.31 -6.65
C LYS A 299 -20.84 3.58 -5.83
N SER A 300 -20.24 4.29 -4.86
CA SER A 300 -19.19 3.66 -4.09
C SER A 300 -19.76 2.56 -3.20
N MET A 301 -18.92 1.57 -2.88
CA MET A 301 -19.24 0.54 -1.92
C MET A 301 -18.41 0.78 -0.65
N LEU A 302 -19.00 1.44 0.37
CA LEU A 302 -18.26 1.90 1.55
C LEU A 302 -18.35 0.95 2.75
N GLU A 303 -19.17 -0.12 2.64
CA GLU A 303 -19.23 -1.22 3.61
C GLU A 303 -19.40 -2.55 2.88
N LYS A 304 -19.21 -3.68 3.57
CA LYS A 304 -19.62 -4.98 3.04
C LYS A 304 -21.14 -5.00 3.05
N PRO A 305 -21.82 -5.40 1.94
CA PRO A 305 -23.22 -5.07 1.71
C PRO A 305 -24.27 -5.77 2.58
N VAL A 311 -17.63 -10.58 -2.04
CA VAL A 311 -16.95 -9.39 -2.66
C VAL A 311 -15.45 -9.49 -2.37
N VAL A 312 -14.68 -8.70 -3.10
CA VAL A 312 -13.29 -8.45 -2.70
C VAL A 312 -13.35 -7.26 -1.75
N CYS A 313 -12.84 -7.48 -0.53
CA CYS A 313 -13.03 -6.52 0.55
C CYS A 313 -11.89 -5.53 0.63
N HIS A 314 -10.67 -5.99 0.36
N HIS A 314 -10.69 -5.96 0.21
CA HIS A 314 -9.50 -5.14 0.37
CA HIS A 314 -9.50 -5.13 0.24
C HIS A 314 -9.86 -3.77 -0.21
C HIS A 314 -9.88 -3.73 -0.24
N ALA A 315 -9.43 -2.73 0.53
CA ALA A 315 -9.79 -1.36 0.23
C ALA A 315 -9.08 -0.91 -1.07
N SER A 316 -9.80 -0.18 -1.94
CA SER A 316 -9.27 0.17 -3.24
C SER A 316 -10.04 1.36 -3.81
N ALA A 317 -9.31 2.18 -4.58
CA ALA A 317 -9.88 3.34 -5.23
C ALA A 317 -9.88 3.09 -6.74
N TRP A 318 -10.93 3.60 -7.43
CA TRP A 318 -11.29 3.22 -8.79
C TRP A 318 -11.49 4.43 -9.70
N ASP A 319 -10.70 4.49 -10.79
CA ASP A 319 -10.86 5.44 -11.87
C ASP A 319 -11.53 4.72 -13.05
N PHE A 320 -12.60 5.30 -13.58
CA PHE A 320 -13.40 4.72 -14.65
C PHE A 320 -13.04 5.37 -15.99
N TYR A 321 -12.02 6.23 -16.00
CA TYR A 321 -11.41 6.75 -17.22
C TYR A 321 -12.44 7.51 -18.05
N ASN A 322 -13.26 8.34 -17.40
CA ASN A 322 -14.14 9.25 -18.10
C ASN A 322 -14.16 10.60 -17.41
N GLY A 323 -13.26 10.81 -16.44
CA GLY A 323 -13.11 12.12 -15.83
C GLY A 323 -14.30 12.56 -14.97
N LYS A 324 -15.22 11.65 -14.63
CA LYS A 324 -16.40 12.01 -13.85
C LYS A 324 -16.75 10.96 -12.78
N ASP A 325 -16.43 9.69 -13.04
CA ASP A 325 -16.83 8.56 -12.21
C ASP A 325 -15.59 8.01 -11.49
N PHE A 326 -15.60 8.16 -10.15
CA PHE A 326 -14.56 7.67 -9.26
C PHE A 326 -15.23 7.06 -8.05
N ARG A 327 -14.71 5.94 -7.57
CA ARG A 327 -15.38 5.18 -6.53
C ARG A 327 -14.35 4.61 -5.55
N ILE A 328 -14.78 4.42 -4.31
CA ILE A 328 -14.06 3.54 -3.40
C ILE A 328 -14.88 2.27 -3.13
N LYS A 329 -14.13 1.18 -2.97
CA LYS A 329 -14.63 -0.12 -2.59
C LYS A 329 -13.85 -0.52 -1.35
N GLN A 330 -14.55 -0.50 -0.19
CA GLN A 330 -13.94 -0.84 1.09
C GLN A 330 -14.97 -1.47 2.03
N CYS A 331 -14.57 -2.54 2.71
CA CYS A 331 -15.39 -3.22 3.72
C CYS A 331 -15.08 -2.54 5.05
N THR A 332 -15.55 -1.28 5.18
CA THR A 332 -15.15 -0.37 6.25
C THR A 332 -15.70 -0.88 7.59
N THR A 333 -14.85 -0.95 8.62
CA THR A 333 -15.25 -1.12 10.01
C THR A 333 -15.01 0.20 10.74
N VAL A 334 -15.81 0.51 11.76
CA VAL A 334 -15.74 1.79 12.45
C VAL A 334 -14.64 1.76 13.53
N ASN A 335 -13.48 2.31 13.18
CA ASN A 335 -12.36 2.45 14.09
C ASN A 335 -11.33 3.36 13.44
N LEU A 336 -10.30 3.72 14.20
CA LEU A 336 -9.34 4.72 13.75
C LEU A 336 -8.48 4.13 12.63
N GLU A 337 -8.10 2.86 12.75
CA GLU A 337 -7.27 2.18 11.77
C GLU A 337 -7.93 2.33 10.41
N ASP A 338 -9.23 2.12 10.38
CA ASP A 338 -9.97 2.20 9.13
C ASP A 338 -10.29 3.64 8.71
N LEU A 339 -10.31 4.61 9.64
CA LEU A 339 -10.43 6.01 9.23
C LEU A 339 -9.20 6.44 8.44
N VAL A 340 -8.02 5.94 8.83
CA VAL A 340 -6.75 6.17 8.13
C VAL A 340 -6.78 5.47 6.77
N VAL A 341 -7.32 4.26 6.70
CA VAL A 341 -7.42 3.57 5.43
C VAL A 341 -8.37 4.35 4.51
N ALA A 342 -9.43 4.94 5.06
CA ALA A 342 -10.34 5.73 4.26
C ALA A 342 -9.62 6.96 3.69
N HIS A 343 -8.76 7.62 4.49
CA HIS A 343 -7.98 8.77 4.03
C HIS A 343 -7.02 8.37 2.90
N HIS A 344 -6.34 7.25 3.07
CA HIS A 344 -5.45 6.71 2.06
C HIS A 344 -6.19 6.65 0.71
N GLU A 345 -7.36 6.01 0.73
CA GLU A 345 -8.13 5.73 -0.46
C GLU A 345 -8.62 7.04 -1.04
N MET A 346 -8.97 8.01 -0.18
CA MET A 346 -9.46 9.27 -0.72
C MET A 346 -8.35 10.09 -1.41
N GLY A 347 -7.09 9.89 -1.01
CA GLY A 347 -5.97 10.54 -1.70
C GLY A 347 -5.77 9.95 -3.10
N HIS A 348 -6.03 8.65 -3.30
CA HIS A 348 -6.06 8.09 -4.64
C HIS A 348 -7.13 8.79 -5.49
N ILE A 349 -8.31 8.99 -4.91
CA ILE A 349 -9.41 9.65 -5.60
C ILE A 349 -9.03 11.09 -5.92
N GLN A 350 -8.40 11.79 -4.96
CA GLN A 350 -7.98 13.16 -5.18
C GLN A 350 -7.03 13.22 -6.39
N TYR A 351 -6.05 12.30 -6.43
CA TYR A 351 -5.13 12.23 -7.56
C TYR A 351 -5.88 12.03 -8.90
N PHE A 352 -6.82 11.07 -8.95
CA PHE A 352 -7.61 10.81 -10.14
C PHE A 352 -8.26 12.10 -10.65
N MET A 353 -8.85 12.87 -9.70
CA MET A 353 -9.55 14.10 -10.05
C MET A 353 -8.58 15.19 -10.51
N GLN A 354 -7.41 15.27 -9.91
CA GLN A 354 -6.41 16.28 -10.25
C GLN A 354 -5.84 16.08 -11.65
N TYR A 355 -5.59 14.83 -12.08
CA TYR A 355 -4.95 14.61 -13.37
C TYR A 355 -5.96 14.20 -14.45
N LYS A 356 -7.25 14.49 -14.22
CA LYS A 356 -8.33 13.92 -15.01
C LYS A 356 -8.36 14.45 -16.45
N ASP A 357 -7.79 15.63 -16.69
CA ASP A 357 -7.75 16.25 -18.01
C ASP A 357 -6.49 15.92 -18.82
N LEU A 358 -5.53 15.18 -18.27
CA LEU A 358 -4.39 14.70 -19.05
C LEU A 358 -4.82 13.58 -20.00
N PRO A 359 -4.07 13.35 -21.10
CA PRO A 359 -4.18 12.10 -21.85
C PRO A 359 -4.13 10.86 -20.97
N VAL A 360 -4.94 9.86 -21.30
CA VAL A 360 -5.11 8.72 -20.41
C VAL A 360 -3.78 8.01 -20.18
N ALA A 361 -2.81 8.05 -21.11
CA ALA A 361 -1.55 7.35 -20.88
C ALA A 361 -0.71 8.03 -19.80
N LEU A 362 -1.03 9.28 -19.46
CA LEU A 362 -0.30 10.03 -18.45
C LEU A 362 -1.10 10.18 -17.16
N ARG A 363 -2.23 9.44 -17.03
CA ARG A 363 -3.08 9.51 -15.85
C ARG A 363 -2.63 8.46 -14.83
N GLU A 364 -1.48 8.73 -14.24
CA GLU A 364 -0.92 7.97 -13.14
C GLU A 364 -0.17 8.93 -12.22
N GLY A 365 0.35 8.42 -11.10
CA GLY A 365 1.08 9.26 -10.16
C GLY A 365 2.48 9.55 -10.72
N ALA A 366 3.17 10.57 -10.19
CA ALA A 366 4.50 10.88 -10.68
C ALA A 366 5.39 9.63 -10.62
N ASN A 367 5.27 8.85 -9.54
CA ASN A 367 5.60 7.42 -9.55
C ASN A 367 4.56 6.72 -8.68
N PRO A 368 4.47 5.38 -8.62
CA PRO A 368 3.45 4.71 -7.80
C PRO A 368 3.47 5.08 -6.33
N GLY A 369 4.65 5.36 -5.77
CA GLY A 369 4.78 5.79 -4.39
C GLY A 369 4.04 7.10 -4.13
N PHE A 370 4.10 8.03 -5.06
CA PHE A 370 3.36 9.29 -4.93
C PHE A 370 1.86 9.01 -4.81
N HIS A 371 1.35 8.03 -5.58
CA HIS A 371 -0.10 7.78 -5.59
C HIS A 371 -0.51 7.33 -4.16
N GLU A 372 0.31 6.46 -3.58
CA GLU A 372 0.09 5.92 -2.24
C GLU A 372 0.23 6.99 -1.15
N ALA A 373 1.06 8.01 -1.36
CA ALA A 373 1.42 8.89 -0.26
C ALA A 373 0.34 9.91 0.06
N ILE A 374 -0.48 10.28 -0.92
CA ILE A 374 -1.25 11.51 -0.78
C ILE A 374 -2.16 11.43 0.43
N GLY A 375 -2.98 10.37 0.50
CA GLY A 375 -3.98 10.25 1.55
C GLY A 375 -3.34 10.14 2.94
N ASP A 376 -2.24 9.38 3.00
CA ASP A 376 -1.48 9.18 4.23
C ASP A 376 -0.95 10.48 4.77
N VAL A 377 -0.56 11.44 3.90
CA VAL A 377 -0.12 12.73 4.39
C VAL A 377 -1.23 13.37 5.24
N LEU A 378 -2.47 13.42 4.73
CA LEU A 378 -3.57 14.02 5.48
C LEU A 378 -3.77 13.22 6.76
N ALA A 379 -3.63 11.89 6.68
CA ALA A 379 -3.96 11.08 7.84
C ALA A 379 -2.98 11.39 8.99
N LEU A 380 -1.74 11.80 8.66
CA LEU A 380 -0.76 12.13 9.68
C LEU A 380 -1.31 13.25 10.58
N SER A 381 -2.00 14.23 10.00
CA SER A 381 -2.56 15.32 10.78
C SER A 381 -3.80 14.85 11.56
N VAL A 382 -4.59 13.99 10.91
CA VAL A 382 -5.81 13.45 11.47
C VAL A 382 -5.47 12.71 12.76
N SER A 383 -4.42 11.89 12.72
CA SER A 383 -4.02 11.05 13.83
C SER A 383 -3.45 11.83 15.03
N THR A 384 -3.25 13.15 14.92
CA THR A 384 -2.65 13.87 16.05
C THR A 384 -3.66 13.99 17.19
N PRO A 385 -3.19 14.00 18.45
CA PRO A 385 -4.09 14.14 19.60
C PRO A 385 -4.92 15.40 19.52
N LYS A 386 -4.32 16.48 19.01
CA LYS A 386 -5.07 17.70 18.83
C LYS A 386 -6.25 17.40 17.89
N HIS A 387 -5.98 16.73 16.76
CA HIS A 387 -7.02 16.62 15.74
C HIS A 387 -8.13 15.70 16.27
N LEU A 388 -7.73 14.61 16.92
CA LEU A 388 -8.69 13.67 17.46
C LEU A 388 -9.58 14.37 18.49
N HIS A 389 -9.01 15.26 19.32
CA HIS A 389 -9.81 16.01 20.29
C HIS A 389 -10.86 16.91 19.61
N SER A 390 -10.52 17.56 18.49
CA SER A 390 -11.46 18.43 17.78
C SER A 390 -12.61 17.61 17.16
N LEU A 391 -12.36 16.33 16.85
CA LEU A 391 -13.41 15.43 16.44
C LEU A 391 -14.15 14.79 17.62
N ASN A 392 -13.87 15.26 18.84
CA ASN A 392 -14.54 14.78 20.02
C ASN A 392 -14.19 13.35 20.40
N LEU A 393 -13.17 12.76 19.78
CA LEU A 393 -12.82 11.36 20.03
C LEU A 393 -11.82 11.23 21.20
N LEU A 394 -11.30 12.36 21.72
CA LEU A 394 -10.41 12.37 22.88
C LEU A 394 -10.80 13.59 23.74
N SER A 395 -10.42 13.54 25.03
CA SER A 395 -10.54 14.68 25.94
C SER A 395 -9.51 15.77 25.60
N GLY A 399 -0.58 17.79 26.33
CA GLY A 399 0.41 18.79 26.78
C GLY A 399 1.79 18.14 26.98
N SER A 400 1.87 17.27 28.00
CA SER A 400 3.13 16.79 28.56
C SER A 400 4.02 16.12 27.52
N ASP A 401 5.30 16.06 27.87
CA ASP A 401 6.30 15.29 27.16
C ASP A 401 5.91 13.80 27.18
N GLU A 402 5.29 13.35 28.29
CA GLU A 402 4.88 11.95 28.41
C GLU A 402 3.82 11.62 27.36
N HIS A 403 2.87 12.54 27.16
CA HIS A 403 1.88 12.45 26.10
C HIS A 403 2.55 12.41 24.73
N ASP A 404 3.59 13.22 24.56
CA ASP A 404 4.30 13.29 23.28
C ASP A 404 4.91 11.95 22.91
N ILE A 405 5.61 11.35 23.89
CA ILE A 405 6.32 10.10 23.67
C ILE A 405 5.32 9.01 23.39
N ASN A 406 4.22 9.01 24.13
CA ASN A 406 3.15 8.04 23.94
C ASN A 406 2.64 8.14 22.51
N PHE A 407 2.38 9.37 22.04
CA PHE A 407 1.86 9.57 20.68
C PHE A 407 2.88 9.10 19.64
N LEU A 408 4.15 9.51 19.80
CA LEU A 408 5.18 9.10 18.86
C LEU A 408 5.27 7.58 18.80
N MET A 409 5.12 6.91 19.95
CA MET A 409 5.26 5.48 20.04
C MET A 409 4.13 4.85 19.21
N LYS A 410 2.90 5.37 19.37
CA LYS A 410 1.76 4.89 18.61
C LYS A 410 2.02 5.01 17.12
N MET A 411 2.49 6.18 16.69
CA MET A 411 2.76 6.43 15.28
C MET A 411 3.86 5.52 14.79
N ALA A 412 4.91 5.35 15.61
CA ALA A 412 6.06 4.53 15.25
C ALA A 412 5.66 3.07 15.03
N LEU A 413 4.76 2.54 15.89
CA LEU A 413 4.32 1.17 15.76
C LEU A 413 3.72 0.91 14.38
N ASP A 414 3.06 1.90 13.77
CA ASP A 414 2.66 1.75 12.37
C ASP A 414 3.78 2.07 11.36
N LYS A 415 4.35 3.28 11.43
CA LYS A 415 5.13 3.82 10.33
C LYS A 415 6.52 3.22 10.27
N ILE A 416 7.18 3.08 11.41
CA ILE A 416 8.51 2.54 11.47
C ILE A 416 8.46 1.03 11.32
N ALA A 417 7.55 0.34 12.02
CA ALA A 417 7.47 -1.11 11.84
C ALA A 417 7.19 -1.49 10.37
N PHE A 418 6.47 -0.66 9.63
CA PHE A 418 6.13 -1.01 8.26
C PHE A 418 7.32 -0.93 7.31
N ILE A 419 8.35 -0.19 7.71
CA ILE A 419 9.46 0.06 6.81
C ILE A 419 10.11 -1.25 6.38
N PRO A 420 10.59 -2.16 7.27
CA PRO A 420 11.23 -3.38 6.80
C PRO A 420 10.29 -4.33 6.06
N PHE A 421 9.02 -4.33 6.44
CA PHE A 421 8.03 -5.20 5.81
C PHE A 421 7.85 -4.73 4.36
N SER A 422 7.59 -3.43 4.17
CA SER A 422 7.35 -2.89 2.84
C SER A 422 8.56 -3.04 1.92
N TYR A 423 9.76 -3.05 2.50
CA TYR A 423 10.98 -3.23 1.73
C TYR A 423 11.12 -4.70 1.30
N LEU A 424 10.68 -5.64 2.13
CA LEU A 424 11.06 -7.02 1.86
C LEU A 424 10.16 -7.69 0.83
N VAL A 425 8.92 -7.22 0.66
CA VAL A 425 7.97 -7.97 -0.17
C VAL A 425 8.47 -8.11 -1.61
N ASP A 426 8.94 -7.00 -2.21
CA ASP A 426 9.41 -7.05 -3.58
C ASP A 426 10.87 -7.45 -3.67
N GLN A 427 11.62 -7.43 -2.57
CA GLN A 427 12.92 -8.06 -2.60
C GLN A 427 12.71 -9.54 -2.90
N TRP A 428 11.73 -10.15 -2.22
CA TRP A 428 11.37 -11.54 -2.49
C TRP A 428 10.91 -11.70 -3.95
N ARG A 429 9.95 -10.86 -4.37
CA ARG A 429 9.34 -11.09 -5.68
C ARG A 429 10.35 -10.81 -6.82
N TRP A 430 11.27 -9.85 -6.65
CA TRP A 430 12.25 -9.55 -7.70
C TRP A 430 13.13 -10.78 -7.96
N ARG A 431 13.45 -11.53 -6.89
CA ARG A 431 14.33 -12.70 -6.92
C ARG A 431 13.54 -13.93 -7.37
N VAL A 432 12.22 -13.93 -7.15
CA VAL A 432 11.40 -14.97 -7.78
C VAL A 432 11.38 -14.71 -9.30
N PHE A 433 11.09 -13.47 -9.67
CA PHE A 433 10.92 -13.14 -11.08
C PHE A 433 12.22 -13.31 -11.86
N ASP A 434 13.38 -13.02 -11.22
CA ASP A 434 14.65 -13.11 -11.92
C ASP A 434 15.16 -14.55 -11.90
N GLY A 435 14.44 -15.47 -11.24
CA GLY A 435 14.82 -16.87 -11.30
C GLY A 435 15.76 -17.30 -10.17
N SER A 436 16.21 -16.35 -9.34
N SER A 436 16.19 -16.39 -9.30
CA SER A 436 17.07 -16.69 -8.22
CA SER A 436 17.14 -16.81 -8.27
C SER A 436 16.35 -17.66 -7.28
C SER A 436 16.44 -17.43 -7.06
N ILE A 437 15.10 -17.34 -6.97
CA ILE A 437 14.31 -18.14 -6.02
C ILE A 437 13.42 -19.06 -6.83
N THR A 438 13.63 -20.38 -6.78
CA THR A 438 12.73 -21.29 -7.46
C THR A 438 11.62 -21.73 -6.50
N LYS A 439 10.59 -22.39 -7.04
CA LYS A 439 9.40 -22.75 -6.27
C LYS A 439 9.76 -23.63 -5.07
N GLU A 440 10.77 -24.51 -5.20
CA GLU A 440 11.19 -25.35 -4.08
C GLU A 440 11.61 -24.49 -2.88
N ASN A 441 11.98 -23.23 -3.10
CA ASN A 441 12.60 -22.43 -2.03
C ASN A 441 11.76 -21.17 -1.76
N TYR A 442 10.57 -21.04 -2.38
CA TYR A 442 9.74 -19.85 -2.16
C TYR A 442 9.66 -19.52 -0.68
N ASN A 443 9.27 -20.52 0.13
CA ASN A 443 8.85 -20.27 1.51
C ASN A 443 10.07 -20.00 2.40
N GLN A 444 11.13 -20.81 2.26
CA GLN A 444 12.35 -20.61 3.03
C GLN A 444 12.97 -19.25 2.76
N GLU A 445 12.93 -18.79 1.50
CA GLU A 445 13.54 -17.51 1.19
C GLU A 445 12.68 -16.36 1.71
N TRP A 446 11.35 -16.54 1.73
CA TRP A 446 10.47 -15.58 2.37
C TRP A 446 10.89 -15.40 3.84
N TRP A 447 11.04 -16.51 4.56
CA TRP A 447 11.32 -16.46 5.98
C TRP A 447 12.76 -15.96 6.23
N SER A 448 13.70 -16.19 5.31
CA SER A 448 15.05 -15.63 5.46
C SER A 448 14.99 -14.11 5.50
N LEU A 449 14.16 -13.53 4.62
CA LEU A 449 13.93 -12.10 4.57
C LEU A 449 13.13 -11.60 5.77
N ARG A 450 12.10 -12.35 6.20
CA ARG A 450 11.35 -11.94 7.36
C ARG A 450 12.28 -11.81 8.57
N LEU A 451 13.25 -12.73 8.69
CA LEU A 451 14.28 -12.64 9.74
C LEU A 451 15.22 -11.48 9.46
N LYS A 452 15.81 -11.43 8.28
CA LYS A 452 16.88 -10.48 8.02
C LYS A 452 16.40 -9.03 8.23
N TYR A 453 15.25 -8.67 7.66
CA TYR A 453 14.75 -7.29 7.63
C TYR A 453 13.87 -6.96 8.83
N GLN A 454 12.90 -7.83 9.18
CA GLN A 454 11.95 -7.51 10.26
C GLN A 454 12.40 -8.09 11.60
N GLY A 455 13.26 -9.12 11.61
CA GLY A 455 13.63 -9.83 12.83
C GLY A 455 12.44 -10.59 13.45
N LEU A 456 11.67 -11.27 12.58
CA LEU A 456 10.55 -12.11 12.96
C LEU A 456 10.89 -13.57 12.71
N PRO A 458 8.72 -17.61 12.55
CA PRO A 458 7.41 -18.23 12.47
C PRO A 458 7.12 -18.96 13.79
N PRO A 459 5.96 -18.81 14.44
CA PRO A 459 5.70 -19.55 15.68
C PRO A 459 5.62 -21.07 15.51
N VAL A 460 5.31 -21.53 14.30
CA VAL A 460 5.24 -22.95 14.00
C VAL A 460 6.17 -23.21 12.84
N PRO A 461 7.01 -24.25 12.88
CA PRO A 461 7.91 -24.51 11.77
C PRO A 461 7.12 -24.72 10.48
N ARG A 462 7.60 -24.13 9.38
CA ARG A 462 6.88 -24.25 8.11
C ARG A 462 7.14 -25.64 7.55
N THR A 463 6.22 -26.13 6.72
CA THR A 463 6.25 -27.50 6.23
C THR A 463 6.12 -27.46 4.72
N GLN A 464 6.41 -28.60 4.14
CA GLN A 464 6.19 -28.84 2.73
C GLN A 464 4.79 -28.39 2.33
N GLY A 465 4.70 -27.61 1.25
CA GLY A 465 3.43 -27.19 0.70
C GLY A 465 2.96 -25.85 1.25
N ASP A 466 3.67 -25.33 2.25
CA ASP A 466 3.40 -23.98 2.74
C ASP A 466 3.83 -22.92 1.72
N PHE A 467 3.04 -21.84 1.68
CA PHE A 467 3.26 -20.71 0.80
C PHE A 467 2.72 -19.46 1.47
N ASP A 468 3.44 -19.04 2.51
CA ASP A 468 3.03 -17.92 3.35
C ASP A 468 2.90 -16.63 2.57
N PRO A 469 3.74 -16.33 1.52
CA PRO A 469 3.49 -15.15 0.71
C PRO A 469 2.09 -15.09 0.14
N GLY A 470 1.56 -16.27 -0.21
CA GLY A 470 0.22 -16.37 -0.78
C GLY A 470 -0.89 -15.87 0.16
N ALA A 471 -0.62 -15.78 1.46
CA ALA A 471 -1.56 -15.30 2.48
C ALA A 471 -1.55 -13.79 2.64
N LYS A 472 -0.79 -13.09 1.80
CA LYS A 472 -0.78 -11.65 1.78
C LYS A 472 -1.37 -11.17 0.45
N PHE A 473 -2.36 -10.29 0.52
CA PHE A 473 -3.23 -9.93 -0.60
C PHE A 473 -2.45 -9.63 -1.88
N HIS A 474 -1.36 -8.84 -1.76
CA HIS A 474 -0.66 -8.26 -2.90
C HIS A 474 0.03 -9.35 -3.74
N ILE A 475 0.26 -10.52 -3.15
CA ILE A 475 0.94 -11.58 -3.87
C ILE A 475 -0.01 -12.23 -4.89
N PRO A 476 -1.11 -12.90 -4.49
CA PRO A 476 -2.05 -13.42 -5.48
C PRO A 476 -2.75 -12.38 -6.37
N SER A 477 -2.90 -11.13 -5.91
CA SER A 477 -3.49 -10.05 -6.69
C SER A 477 -2.48 -9.30 -7.59
N SER A 478 -1.20 -9.70 -7.52
CA SER A 478 -0.19 -9.19 -8.42
C SER A 478 -0.18 -7.66 -8.40
N VAL A 479 -0.11 -7.11 -7.20
CA VAL A 479 0.02 -5.69 -6.97
C VAL A 479 1.42 -5.41 -6.45
N PRO A 480 2.25 -4.63 -7.19
CA PRO A 480 3.57 -4.27 -6.72
C PRO A 480 3.54 -3.65 -5.32
N TYR A 481 4.62 -3.87 -4.57
CA TYR A 481 4.66 -3.49 -3.17
C TYR A 481 5.67 -2.39 -2.84
N ILE A 482 6.73 -2.23 -3.63
CA ILE A 482 7.75 -1.28 -3.26
C ILE A 482 7.15 0.13 -3.17
N ARG A 483 6.05 0.40 -3.88
CA ARG A 483 5.32 1.65 -3.78
C ARG A 483 5.04 2.05 -2.33
N TYR A 484 4.77 1.06 -1.45
CA TYR A 484 4.34 1.37 -0.08
C TYR A 484 5.56 1.80 0.75
N PHE A 485 6.72 1.20 0.45
CA PHE A 485 7.97 1.58 1.09
C PHE A 485 8.29 3.02 0.72
N VAL A 486 8.22 3.33 -0.57
CA VAL A 486 8.48 4.67 -1.06
C VAL A 486 7.49 5.66 -0.43
N SER A 487 6.21 5.26 -0.39
CA SER A 487 5.16 6.07 0.22
C SER A 487 5.52 6.50 1.65
N PHE A 488 5.90 5.56 2.50
CA PHE A 488 6.13 5.81 3.92
C PHE A 488 7.34 6.74 4.12
N ILE A 489 8.34 6.69 3.23
CA ILE A 489 9.46 7.64 3.28
C ILE A 489 8.98 9.03 2.84
N ILE A 490 8.38 9.11 1.64
CA ILE A 490 8.07 10.41 1.06
C ILE A 490 6.89 11.11 1.72
N GLN A 491 5.96 10.37 2.35
CA GLN A 491 4.83 11.05 2.99
C GLN A 491 5.36 11.98 4.10
N PHE A 492 6.43 11.57 4.81
CA PHE A 492 7.03 12.42 5.84
C PHE A 492 7.69 13.65 5.20
N GLN A 493 8.32 13.49 4.03
CA GLN A 493 8.86 14.65 3.33
C GLN A 493 7.76 15.63 2.96
N PHE A 494 6.61 15.12 2.51
CA PHE A 494 5.50 16.01 2.13
C PHE A 494 4.92 16.70 3.37
N HIS A 495 4.76 15.93 4.45
CA HIS A 495 4.28 16.50 5.70
C HIS A 495 5.19 17.67 6.13
N GLU A 496 6.50 17.40 6.20
CA GLU A 496 7.48 18.42 6.55
C GLU A 496 7.28 19.67 5.70
N ALA A 497 7.16 19.49 4.40
CA ALA A 497 7.06 20.64 3.50
C ALA A 497 5.71 21.34 3.64
N LEU A 498 4.63 20.56 3.81
CA LEU A 498 3.31 21.18 3.87
C LEU A 498 3.17 21.92 5.21
N CYS A 499 3.74 21.35 6.28
CA CYS A 499 3.75 22.02 7.57
C CYS A 499 4.52 23.34 7.53
N GLN A 500 5.64 23.33 6.81
CA GLN A 500 6.43 24.52 6.61
C GLN A 500 5.65 25.54 5.78
N ALA A 501 4.93 25.11 4.74
CA ALA A 501 4.10 26.03 3.97
C ALA A 501 2.94 26.51 4.83
N ALA A 502 2.48 25.70 5.78
CA ALA A 502 1.35 26.08 6.61
C ALA A 502 1.76 27.02 7.74
N GLY A 503 3.07 27.25 7.92
CA GLY A 503 3.55 28.17 8.95
C GLY A 503 3.74 27.48 10.30
N HIS A 504 3.73 26.15 10.33
CA HIS A 504 3.99 25.45 11.58
C HIS A 504 5.44 25.69 11.97
N THR A 505 5.66 25.92 13.26
CA THR A 505 7.00 25.96 13.84
C THR A 505 7.03 24.94 14.98
N GLY A 506 8.23 24.51 15.36
CA GLY A 506 8.35 23.57 16.47
C GLY A 506 8.21 22.14 15.99
N PRO A 507 8.06 21.17 16.92
CA PRO A 507 8.23 19.76 16.57
C PRO A 507 7.33 19.33 15.42
N LEU A 508 7.92 18.69 14.42
CA LEU A 508 7.14 18.34 13.23
C LEU A 508 5.94 17.45 13.61
N HIS A 509 6.06 16.59 14.64
CA HIS A 509 4.96 15.70 15.00
C HIS A 509 3.73 16.41 15.57
N LYS A 510 3.84 17.71 15.94
CA LYS A 510 2.73 18.47 16.49
C LYS A 510 1.95 19.21 15.39
N CYS A 511 2.39 19.06 14.12
CA CYS A 511 1.78 19.75 12.99
C CYS A 511 0.44 19.11 12.60
N ASP A 512 -0.53 19.99 12.35
CA ASP A 512 -1.82 19.65 11.76
C ASP A 512 -2.12 20.65 10.66
N ILE A 513 -2.18 20.20 9.41
CA ILE A 513 -2.32 21.08 8.25
C ILE A 513 -3.79 21.40 7.94
N TYR A 514 -4.72 20.89 8.76
CA TYR A 514 -6.14 21.12 8.55
C TYR A 514 -6.36 22.60 8.29
N GLN A 515 -7.05 22.87 7.17
CA GLN A 515 -7.54 24.19 6.81
C GLN A 515 -6.46 25.02 6.09
N SER A 516 -5.23 24.51 5.91
CA SER A 516 -4.19 25.27 5.19
C SER A 516 -4.36 25.18 3.67
N LYS A 517 -4.76 26.29 3.05
CA LYS A 517 -4.90 26.38 1.59
C LYS A 517 -3.53 26.35 0.92
N GLU A 518 -2.51 26.86 1.62
CA GLU A 518 -1.14 26.89 1.15
C GLU A 518 -0.61 25.45 1.02
N ALA A 519 -0.89 24.61 2.02
CA ALA A 519 -0.46 23.22 1.94
C ALA A 519 -1.15 22.54 0.75
N GLY A 520 -2.43 22.81 0.55
CA GLY A 520 -3.17 22.12 -0.49
C GLY A 520 -2.69 22.55 -1.86
N GLN A 521 -2.11 23.75 -1.94
CA GLN A 521 -1.64 24.25 -3.23
C GLN A 521 -0.40 23.50 -3.68
N ARG A 522 0.55 23.28 -2.76
CA ARG A 522 1.74 22.52 -3.08
C ARG A 522 1.37 21.15 -3.63
N LEU A 523 0.37 20.51 -3.03
CA LEU A 523 0.02 19.16 -3.45
C LEU A 523 -0.64 19.18 -4.82
N ALA A 524 -1.54 20.15 -5.04
CA ALA A 524 -2.35 20.21 -6.25
C ALA A 524 -1.47 20.38 -7.50
N THR A 525 -0.49 21.28 -7.45
CA THR A 525 0.27 21.57 -8.66
C THR A 525 1.09 20.33 -9.04
N ALA A 526 1.57 19.59 -8.05
CA ALA A 526 2.33 18.37 -8.30
C ALA A 526 1.43 17.24 -8.80
N MET A 527 0.27 17.07 -8.18
CA MET A 527 -0.65 16.01 -8.59
C MET A 527 -1.10 16.25 -10.04
N LYS A 528 -1.24 17.51 -10.44
CA LYS A 528 -1.77 17.87 -11.75
C LYS A 528 -0.85 17.44 -12.88
N LEU A 529 0.42 17.17 -12.58
CA LEU A 529 1.38 16.71 -13.57
C LEU A 529 1.07 15.27 -13.96
N GLY A 530 0.34 14.55 -13.13
CA GLY A 530 0.25 13.13 -13.36
C GLY A 530 1.63 12.54 -13.66
N PHE A 531 1.73 11.84 -14.79
CA PHE A 531 2.93 11.10 -15.14
C PHE A 531 3.61 11.77 -16.34
N SER A 532 3.46 13.09 -16.48
CA SER A 532 3.87 13.82 -17.68
C SER A 532 5.36 14.12 -17.62
N ARG A 533 5.92 14.20 -16.39
CA ARG A 533 7.29 14.63 -16.14
C ARG A 533 8.05 13.64 -15.25
N PRO A 534 9.40 13.59 -15.31
CA PRO A 534 10.16 12.80 -14.35
C PRO A 534 9.79 13.13 -12.90
N TRP A 535 9.68 12.12 -12.04
CA TRP A 535 9.12 12.35 -10.71
C TRP A 535 9.94 13.32 -9.85
N PRO A 536 11.28 13.48 -10.07
CA PRO A 536 12.02 14.46 -9.29
C PRO A 536 11.43 15.85 -9.37
N GLU A 537 10.76 16.18 -10.48
CA GLU A 537 10.18 17.51 -10.64
C GLU A 537 9.03 17.73 -9.67
N ALA A 538 8.13 16.74 -9.58
CA ALA A 538 7.04 16.78 -8.62
C ALA A 538 7.61 16.81 -7.19
N MET A 539 8.63 15.99 -6.92
CA MET A 539 9.27 16.00 -5.60
C MET A 539 9.72 17.43 -5.26
N GLN A 540 10.29 18.13 -6.25
CA GLN A 540 10.83 19.47 -6.00
C GLN A 540 9.71 20.52 -5.84
N LEU A 541 8.65 20.46 -6.64
CA LEU A 541 7.50 21.33 -6.48
C LEU A 541 6.96 21.27 -5.04
N ILE A 542 6.88 20.07 -4.49
CA ILE A 542 6.34 19.89 -3.15
C ILE A 542 7.36 20.35 -2.07
N THR A 543 8.64 19.95 -2.17
CA THR A 543 9.56 19.98 -1.03
C THR A 543 10.66 21.03 -1.21
N GLY A 544 10.93 21.45 -2.45
CA GLY A 544 12.06 22.31 -2.73
C GLY A 544 13.35 21.56 -3.06
N GLN A 545 13.31 20.22 -3.09
CA GLN A 545 14.47 19.44 -3.49
C GLN A 545 14.03 18.19 -4.22
N PRO A 546 14.91 17.51 -4.98
CA PRO A 546 14.48 16.47 -5.91
C PRO A 546 14.60 15.01 -5.49
N GLN A 547 15.06 14.76 -4.26
N GLN A 547 15.19 14.73 -4.31
CA GLN A 547 15.48 13.45 -3.81
CA GLN A 547 15.49 13.37 -3.89
C GLN A 547 14.43 12.78 -2.90
C GLN A 547 14.44 12.78 -2.96
N MET A 548 14.43 11.45 -2.89
CA MET A 548 13.83 10.72 -1.79
C MET A 548 14.83 10.80 -0.65
N SER A 549 14.33 11.04 0.57
CA SER A 549 15.16 11.27 1.76
C SER A 549 14.40 10.83 3.00
N ALA A 550 15.08 10.06 3.85
CA ALA A 550 14.60 9.66 5.17
C ALA A 550 14.76 10.75 6.23
N SER A 551 15.33 11.91 5.87
N SER A 551 15.32 11.92 5.85
CA SER A 551 15.57 12.98 6.83
CA SER A 551 15.57 13.00 6.79
C SER A 551 14.27 13.39 7.53
C SER A 551 14.30 13.43 7.51
N ALA A 552 13.19 13.57 6.77
CA ALA A 552 11.95 14.10 7.33
C ALA A 552 11.34 13.12 8.34
N MET A 553 11.39 11.82 8.02
CA MET A 553 10.86 10.78 8.88
C MET A 553 11.70 10.71 10.16
N LEU A 554 13.01 10.83 10.04
CA LEU A 554 13.88 10.81 11.22
C LEU A 554 13.62 12.03 12.09
N SER A 555 13.33 13.18 11.48
N SER A 555 13.39 13.19 11.48
CA SER A 555 13.09 14.41 12.20
CA SER A 555 13.09 14.40 12.23
C SER A 555 11.81 14.29 13.03
C SER A 555 11.84 14.19 13.07
N TYR A 556 10.78 13.71 12.42
CA TYR A 556 9.50 13.48 13.08
C TYR A 556 9.71 12.63 14.33
N PHE A 557 10.52 11.55 14.20
CA PHE A 557 10.67 10.54 15.23
C PHE A 557 11.87 10.79 16.17
N LYS A 558 12.59 11.89 15.99
CA LYS A 558 13.80 12.15 16.76
C LYS A 558 13.55 11.99 18.28
N PRO A 559 12.51 12.62 18.89
CA PRO A 559 12.30 12.50 20.33
C PRO A 559 12.18 11.06 20.79
N LEU A 560 11.56 10.22 19.94
CA LEU A 560 11.36 8.81 20.21
C LEU A 560 12.65 7.99 20.06
N LEU A 561 13.43 8.28 19.03
CA LEU A 561 14.72 7.63 18.93
C LEU A 561 15.53 7.86 20.20
N ASP A 562 15.54 9.10 20.67
CA ASP A 562 16.32 9.43 21.88
C ASP A 562 15.74 8.74 23.12
N TRP A 563 14.41 8.73 23.25
CA TRP A 563 13.74 8.05 24.36
C TRP A 563 14.04 6.55 24.33
N LEU A 564 13.84 5.92 23.18
CA LEU A 564 14.06 4.49 23.01
C LEU A 564 15.49 4.10 23.29
N ARG A 565 16.46 4.83 22.76
CA ARG A 565 17.85 4.61 23.11
C ARG A 565 18.12 4.59 24.61
N THR A 566 17.69 5.62 25.34
CA THR A 566 17.91 5.68 26.78
C THR A 566 17.23 4.51 27.49
N GLU A 567 15.99 4.17 27.09
CA GLU A 567 15.23 3.07 27.71
C GLU A 567 15.89 1.71 27.46
N ASN A 568 16.24 1.41 26.21
CA ASN A 568 16.88 0.15 25.90
C ASN A 568 18.19 -0.02 26.68
N GLU A 569 19.01 1.03 26.72
CA GLU A 569 20.27 1.04 27.47
C GLU A 569 20.06 0.69 28.95
N LEU A 570 19.01 1.28 29.55
CA LEU A 570 18.67 1.04 30.95
C LEU A 570 18.45 -0.44 31.20
N HIS A 571 17.92 -1.16 30.21
CA HIS A 571 17.55 -2.56 30.39
C HIS A 571 18.64 -3.44 29.78
N GLY A 572 19.73 -2.85 29.31
CA GLY A 572 20.83 -3.63 28.78
C GLY A 572 20.43 -4.40 27.52
N GLU A 573 19.65 -3.76 26.62
CA GLU A 573 19.08 -4.52 25.51
C GLU A 573 20.21 -4.75 24.52
N LYS A 574 20.21 -5.91 23.88
CA LYS A 574 21.09 -6.17 22.76
C LYS A 574 20.26 -6.04 21.47
N LEU A 575 20.44 -4.94 20.72
CA LEU A 575 19.69 -4.68 19.50
C LEU A 575 19.98 -5.79 18.51
N GLY A 576 18.98 -6.12 17.68
CA GLY A 576 19.15 -7.12 16.64
C GLY A 576 18.90 -8.52 17.17
N TRP A 577 19.44 -9.52 16.45
CA TRP A 577 19.13 -10.93 16.59
C TRP A 577 20.16 -11.69 15.72
N PRO A 578 20.44 -13.01 15.84
CA PRO A 578 21.41 -13.65 14.94
C PRO A 578 20.98 -13.75 13.46
#